data_7B39
#
_entry.id   7B39
#
_cell.length_a   66.250
_cell.length_b   66.250
_cell.length_c   264.390
_cell.angle_alpha   90.000
_cell.angle_beta   90.000
_cell.angle_gamma   120.000
#
_symmetry.space_group_name_H-M   'P 65 2 2'
#
loop_
_entity.id
_entity.type
_entity.pdbx_description
1 polymer 'Vitamin D3 receptor A'
2 polymer 'Nuclear receptor coactivator 1'
3 non-polymer (1R,3S,Z)-5-(2-((3aS,7aS,E)-1-(6-hydroxy-6-methylhept-1-en-1-ylidene)-7a-methyloctahydro-4H-inden-4-ylidene)ethylidene)-4-methylenecyclohexane-1,3-diol
4 non-polymer 'ACETATE ION'
5 water water
#
loop_
_entity_poly.entity_id
_entity_poly.type
_entity_poly.pdbx_seq_one_letter_code
_entity_poly.pdbx_strand_id
1 'polypeptide(L)'
;GSHMLSDEQMQIINSLVEAHHKTYDDSYSDFVRFRPPVREGPVTRSASRAASLHSLSDASSDSFNHSPESVDTKLNFSNL
LMMYQDSGSPDSSEEDQQSRLSMLPHLADLVSYSIQKVIGFAKMIPGFRDLTAEDQIALLKSSAIEIIMLRSNQSFSLED
MSWSCGGPDFKYCINDVTKAGHTLELLEPLVKFQVGLKKLKLHEEEHVLLMAICLLSPDRPGVQDHVRIEALQDRLCDVL
QAYIRIQHPGGRLLYAKMIQKLADLRSLNEEHSKQYRSLSFQPEHSMQLTPLVLEVFGSEVS
;
A
2 'polypeptide(L)' RHKILHRLLQEGSPS B
#
# COMPACT_ATOMS: atom_id res chain seq x y z
N HIS A 3 -23.70 11.31 16.88
CA HIS A 3 -24.44 11.08 15.66
C HIS A 3 -23.97 11.96 14.51
N MET A 4 -22.78 12.53 14.66
CA MET A 4 -22.15 13.32 13.61
C MET A 4 -20.68 13.51 13.97
N LEU A 5 -19.85 13.70 12.95
CA LEU A 5 -18.43 13.87 13.15
C LEU A 5 -18.12 15.27 13.65
N SER A 6 -17.03 15.39 14.41
CA SER A 6 -16.59 16.68 14.92
C SER A 6 -15.75 17.40 13.87
N ASP A 7 -15.34 18.64 14.19
CA ASP A 7 -14.50 19.39 13.27
C ASP A 7 -13.11 18.75 13.14
N GLU A 8 -12.51 18.36 14.27
CA GLU A 8 -11.18 17.79 14.23
C GLU A 8 -11.15 16.47 13.45
N GLN A 9 -12.27 15.75 13.42
CA GLN A 9 -12.30 14.47 12.71
C GLN A 9 -12.52 14.67 11.22
N MET A 10 -13.36 15.64 10.82
CA MET A 10 -13.53 15.91 9.40
C MET A 10 -12.28 16.55 8.81
N GLN A 11 -11.50 17.26 9.63
CA GLN A 11 -10.21 17.76 9.17
C GLN A 11 -9.25 16.61 8.87
N ILE A 12 -9.30 15.56 9.68
CA ILE A 12 -8.48 14.38 9.42
C ILE A 12 -8.87 13.75 8.10
N ILE A 13 -10.17 13.66 7.84
CA ILE A 13 -10.63 13.10 6.56
C ILE A 13 -10.17 13.97 5.40
N ASN A 14 -10.31 15.29 5.54
CA ASN A 14 -9.93 16.18 4.45
C ASN A 14 -8.45 16.09 4.14
N SER A 15 -7.60 16.12 5.18
N SER A 15 -7.61 16.12 5.17
CA SER A 15 -6.16 16.06 4.95
CA SER A 15 -6.16 16.05 4.97
C SER A 15 -5.74 14.71 4.39
C SER A 15 -5.75 14.71 4.37
N LEU A 16 -6.47 13.64 4.70
CA LEU A 16 -6.14 12.33 4.15
C LEU A 16 -6.57 12.22 2.69
N VAL A 17 -7.75 12.76 2.34
CA VAL A 17 -8.20 12.69 0.95
C VAL A 17 -7.30 13.53 0.06
N GLU A 18 -6.93 14.73 0.52
CA GLU A 18 -6.03 15.57 -0.27
C GLU A 18 -4.66 14.91 -0.43
N ALA A 19 -4.17 14.25 0.63
CA ALA A 19 -2.90 13.56 0.53
C ALA A 19 -2.94 12.44 -0.51
N HIS A 20 -4.09 11.77 -0.64
CA HIS A 20 -4.21 10.71 -1.62
C HIS A 20 -4.33 11.27 -3.04
N HIS A 21 -5.04 12.40 -3.20
CA HIS A 21 -5.15 13.01 -4.51
C HIS A 21 -3.82 13.57 -5.02
N LYS A 22 -2.90 13.91 -4.11
CA LYS A 22 -1.59 14.43 -4.47
C LYS A 22 -0.58 13.34 -4.79
N THR A 23 -0.85 12.09 -4.41
CA THR A 23 0.09 11.00 -4.61
C THR A 23 -0.47 9.88 -5.48
N TYR A 24 -1.69 10.02 -6.00
CA TYR A 24 -2.26 9.03 -6.90
C TYR A 24 -2.80 9.77 -8.13
N ASP A 25 -2.14 9.57 -9.27
CA ASP A 25 -2.52 10.20 -10.52
C ASP A 25 -3.35 9.20 -11.33
N ASP A 26 -4.61 9.55 -11.59
CA ASP A 26 -5.50 8.67 -12.33
C ASP A 26 -5.15 8.57 -13.82
N SER A 27 -4.23 9.41 -14.32
CA SER A 27 -3.90 9.35 -15.74
C SER A 27 -2.92 8.24 -16.06
N TYR A 28 -2.09 7.84 -15.09
CA TYR A 28 -1.07 6.81 -15.27
C TYR A 28 -0.10 7.16 -16.39
N SER A 29 0.10 8.46 -16.64
CA SER A 29 0.99 8.89 -17.70
C SER A 29 2.45 8.66 -17.36
N ASP A 30 2.79 8.56 -16.07
CA ASP A 30 4.16 8.29 -15.66
C ASP A 30 4.59 6.87 -15.99
N PHE A 31 3.65 5.96 -16.26
CA PHE A 31 3.99 4.57 -16.51
C PHE A 31 4.84 4.39 -17.76
N VAL A 32 4.78 5.34 -18.70
CA VAL A 32 5.57 5.23 -19.91
C VAL A 32 7.06 5.35 -19.60
N ARG A 33 7.42 5.89 -18.44
CA ARG A 33 8.82 6.04 -18.08
C ARG A 33 9.42 4.78 -17.46
N PHE A 34 8.59 3.79 -17.12
CA PHE A 34 9.11 2.52 -16.63
C PHE A 34 9.74 1.73 -17.79
N ARG A 35 10.62 0.80 -17.43
CA ARG A 35 11.08 -0.18 -18.39
C ARG A 35 9.85 -0.91 -18.97
N PRO A 36 9.77 -1.10 -20.29
CA PRO A 36 8.53 -1.55 -20.88
C PRO A 36 8.19 -2.97 -20.45
N PRO A 37 6.90 -3.33 -20.44
CA PRO A 37 6.53 -4.71 -20.13
C PRO A 37 6.87 -5.65 -21.28
N VAL A 38 7.29 -6.86 -20.93
CA VAL A 38 7.59 -7.90 -21.91
C VAL A 38 6.77 -9.13 -21.54
N ARG A 39 5.95 -9.59 -22.47
CA ARG A 39 5.13 -10.77 -22.26
C ARG A 39 5.37 -11.82 -23.33
N ARG A 100 13.81 -15.30 -19.13
CA ARG A 100 12.84 -15.63 -18.09
C ARG A 100 12.59 -14.42 -17.19
N LEU A 101 11.42 -14.39 -16.55
CA LEU A 101 10.99 -13.25 -15.74
C LEU A 101 11.01 -11.95 -16.54
N SER A 102 10.30 -11.96 -17.67
CA SER A 102 10.31 -10.83 -18.59
C SER A 102 9.55 -9.63 -18.05
N MET A 103 8.65 -9.83 -17.09
CA MET A 103 7.89 -8.73 -16.51
C MET A 103 8.55 -8.13 -15.27
N LEU A 104 9.63 -8.74 -14.78
CA LEU A 104 10.30 -8.21 -13.59
C LEU A 104 10.77 -6.77 -13.76
N PRO A 105 11.43 -6.37 -14.86
CA PRO A 105 11.86 -4.96 -14.96
C PRO A 105 10.71 -3.97 -14.88
N HIS A 106 9.62 -4.22 -15.61
CA HIS A 106 8.48 -3.30 -15.57
C HIS A 106 7.83 -3.28 -14.19
N LEU A 107 7.57 -4.45 -13.62
CA LEU A 107 6.89 -4.48 -12.32
C LEU A 107 7.77 -3.97 -11.20
N ALA A 108 9.10 -4.12 -11.32
CA ALA A 108 9.99 -3.53 -10.33
C ALA A 108 9.92 -2.01 -10.37
N ASP A 109 9.87 -1.43 -11.56
CA ASP A 109 9.71 0.01 -11.68
C ASP A 109 8.34 0.46 -11.19
N LEU A 110 7.30 -0.34 -11.45
CA LEU A 110 5.97 0.00 -10.97
C LEU A 110 5.93 0.05 -9.44
N VAL A 111 6.49 -0.99 -8.80
CA VAL A 111 6.50 -1.05 -7.34
C VAL A 111 7.35 0.07 -6.76
N SER A 112 8.53 0.29 -7.34
CA SER A 112 9.43 1.35 -6.84
C SER A 112 8.76 2.71 -6.92
N TYR A 113 8.15 3.02 -8.08
CA TYR A 113 7.39 4.25 -8.23
C TYR A 113 6.28 4.34 -7.19
N SER A 114 5.57 3.24 -6.94
CA SER A 114 4.48 3.25 -5.96
C SER A 114 4.99 3.45 -4.54
N ILE A 115 6.19 2.95 -4.24
CA ILE A 115 6.77 3.17 -2.92
C ILE A 115 6.99 4.65 -2.66
N GLN A 116 7.47 5.38 -3.67
CA GLN A 116 7.64 6.82 -3.52
C GLN A 116 6.32 7.51 -3.23
N LYS A 117 5.24 7.05 -3.88
CA LYS A 117 3.93 7.63 -3.64
C LYS A 117 3.45 7.34 -2.22
N VAL A 118 3.67 6.12 -1.73
CA VAL A 118 3.24 5.77 -0.39
C VAL A 118 3.99 6.58 0.66
N ILE A 119 5.28 6.85 0.40
CA ILE A 119 6.07 7.70 1.29
C ILE A 119 5.51 9.12 1.29
N GLY A 120 5.16 9.64 0.13
CA GLY A 120 4.56 10.97 0.07
C GLY A 120 3.21 11.02 0.77
N PHE A 121 2.41 9.97 0.61
CA PHE A 121 1.14 9.89 1.33
C PHE A 121 1.38 9.85 2.84
N ALA A 122 2.38 9.07 3.27
CA ALA A 122 2.63 8.93 4.71
C ALA A 122 3.05 10.25 5.34
N LYS A 123 3.88 11.03 4.65
CA LYS A 123 4.35 12.31 5.16
C LYS A 123 3.23 13.33 5.39
N MET A 124 2.05 13.11 4.83
CA MET A 124 0.94 14.03 5.02
C MET A 124 -0.13 13.49 5.95
N ILE A 125 0.08 12.34 6.56
CA ILE A 125 -0.83 11.84 7.58
C ILE A 125 -0.60 12.61 8.87
N PRO A 126 -1.64 13.10 9.53
CA PRO A 126 -1.45 13.85 10.79
C PRO A 126 -0.76 12.99 11.85
N GLY A 127 0.39 13.47 12.31
CA GLY A 127 1.14 12.83 13.37
C GLY A 127 2.30 11.97 12.90
N PHE A 128 2.20 11.40 11.70
CA PHE A 128 3.27 10.54 11.21
C PHE A 128 4.59 11.29 11.12
N ARG A 129 4.55 12.55 10.68
CA ARG A 129 5.79 13.30 10.50
C ARG A 129 6.41 13.72 11.83
N ASP A 130 5.63 13.71 12.92
CA ASP A 130 6.16 14.03 14.23
C ASP A 130 6.82 12.83 14.90
N LEU A 131 6.69 11.64 14.34
CA LEU A 131 7.40 10.48 14.85
C LEU A 131 8.90 10.60 14.57
N THR A 132 9.69 9.81 15.30
CA THR A 132 11.11 9.75 15.03
C THR A 132 11.36 9.19 13.63
N ALA A 133 12.51 9.54 13.06
CA ALA A 133 12.82 9.06 11.71
C ALA A 133 12.91 7.54 11.66
N GLU A 134 13.26 6.90 12.78
CA GLU A 134 13.39 5.46 12.80
C GLU A 134 12.02 4.78 12.73
N ASP A 135 11.05 5.25 13.53
CA ASP A 135 9.72 4.69 13.50
C ASP A 135 9.08 4.86 12.14
N GLN A 136 9.26 6.03 11.52
CA GLN A 136 8.73 6.25 10.18
C GLN A 136 9.27 5.22 9.20
N ILE A 137 10.56 4.89 9.30
CA ILE A 137 11.16 3.90 8.41
C ILE A 137 10.64 2.50 8.72
N ALA A 138 10.58 2.16 10.01
CA ALA A 138 10.05 0.86 10.41
C ALA A 138 8.63 0.65 9.91
N LEU A 139 7.77 1.66 10.06
CA LEU A 139 6.40 1.56 9.58
C LEU A 139 6.36 1.44 8.06
N LEU A 140 7.18 2.23 7.36
CA LEU A 140 7.18 2.18 5.91
C LEU A 140 7.71 0.85 5.39
N LYS A 141 8.79 0.35 5.98
CA LYS A 141 9.40 -0.87 5.46
C LYS A 141 8.47 -2.07 5.62
N SER A 142 7.80 -2.17 6.77
CA SER A 142 6.92 -3.33 6.99
C SER A 142 5.61 -3.23 6.24
N SER A 143 5.10 -2.01 6.01
CA SER A 143 3.75 -1.84 5.47
C SER A 143 3.74 -1.38 4.02
N ALA A 144 4.90 -1.14 3.40
CA ALA A 144 4.92 -0.61 2.04
C ALA A 144 4.15 -1.51 1.07
N ILE A 145 4.41 -2.82 1.12
CA ILE A 145 3.78 -3.71 0.17
C ILE A 145 2.28 -3.80 0.43
N GLU A 146 1.85 -3.64 1.68
CA GLU A 146 0.42 -3.70 2.00
C GLU A 146 -0.32 -2.48 1.47
N ILE A 147 0.25 -1.28 1.68
CA ILE A 147 -0.39 -0.07 1.16
C ILE A 147 -0.48 -0.13 -0.36
N ILE A 148 0.54 -0.70 -1.01
CA ILE A 148 0.52 -0.82 -2.47
C ILE A 148 -0.61 -1.74 -2.91
N MET A 149 -0.77 -2.88 -2.23
CA MET A 149 -1.89 -3.77 -2.52
C MET A 149 -3.22 -3.08 -2.26
N LEU A 150 -3.28 -2.27 -1.20
CA LEU A 150 -4.50 -1.52 -0.89
C LEU A 150 -4.79 -0.47 -1.96
N ARG A 151 -3.80 0.36 -2.27
CA ARG A 151 -4.03 1.44 -3.23
C ARG A 151 -4.25 0.93 -4.65
N SER A 152 -3.81 -0.29 -4.95
CA SER A 152 -4.00 -0.84 -6.28
C SER A 152 -5.44 -1.24 -6.57
N ASN A 153 -6.27 -1.39 -5.54
CA ASN A 153 -7.69 -1.67 -5.78
C ASN A 153 -8.35 -0.61 -6.63
N GLN A 154 -7.80 0.61 -6.64
CA GLN A 154 -8.39 1.69 -7.43
C GLN A 154 -8.33 1.38 -8.93
N SER A 155 -7.32 0.64 -9.37
CA SER A 155 -7.21 0.25 -10.78
C SER A 155 -7.69 -1.18 -11.04
N PHE A 156 -7.96 -1.96 -9.99
CA PHE A 156 -8.47 -3.31 -10.17
C PHE A 156 -9.90 -3.27 -10.69
N SER A 157 -10.22 -4.20 -11.60
CA SER A 157 -11.53 -4.27 -12.22
C SER A 157 -12.09 -5.68 -12.07
N LEU A 158 -13.32 -5.78 -11.58
CA LEU A 158 -13.96 -7.08 -11.45
C LEU A 158 -14.27 -7.68 -12.81
N GLU A 159 -14.62 -6.84 -13.78
CA GLU A 159 -14.95 -7.34 -15.12
C GLU A 159 -13.75 -8.01 -15.77
N ASP A 160 -12.55 -7.45 -15.58
CA ASP A 160 -11.35 -7.98 -16.18
C ASP A 160 -10.55 -8.88 -15.24
N MET A 161 -10.82 -8.83 -13.94
CA MET A 161 -10.03 -9.55 -12.93
C MET A 161 -8.55 -9.18 -13.05
N SER A 162 -8.29 -7.91 -13.32
CA SER A 162 -6.93 -7.45 -13.53
C SER A 162 -6.84 -5.97 -13.18
N TRP A 163 -5.62 -5.44 -13.20
CA TRP A 163 -5.36 -4.04 -12.96
C TRP A 163 -5.21 -3.34 -14.30
N SER A 164 -6.10 -2.41 -14.61
CA SER A 164 -6.06 -1.65 -15.85
C SER A 164 -5.58 -0.24 -15.55
N CYS A 165 -4.46 0.16 -16.16
CA CYS A 165 -3.87 1.46 -15.90
C CYS A 165 -3.74 2.28 -17.18
N GLY A 166 -4.75 2.20 -18.05
CA GLY A 166 -4.79 3.02 -19.24
C GLY A 166 -4.03 2.47 -20.42
N GLY A 167 -4.53 1.38 -21.01
CA GLY A 167 -3.91 0.78 -22.17
C GLY A 167 -3.63 -0.70 -21.99
N PRO A 168 -3.58 -1.42 -23.11
CA PRO A 168 -3.32 -2.88 -23.01
C PRO A 168 -1.93 -3.20 -22.49
N ASP A 169 -0.93 -2.35 -22.75
CA ASP A 169 0.41 -2.63 -22.24
C ASP A 169 0.48 -2.46 -20.73
N PHE A 170 -0.39 -1.65 -20.16
CA PHE A 170 -0.43 -1.42 -18.72
C PHE A 170 -1.65 -2.10 -18.07
N LYS A 171 -2.08 -3.21 -18.64
CA LYS A 171 -3.13 -4.05 -18.06
C LYS A 171 -2.45 -5.31 -17.53
N TYR A 172 -2.40 -5.45 -16.21
CA TYR A 172 -1.63 -6.50 -15.56
C TYR A 172 -2.56 -7.60 -15.07
N CYS A 173 -2.37 -8.81 -15.58
N CYS A 173 -2.38 -8.81 -15.58
CA CYS A 173 -3.14 -9.97 -15.17
CA CYS A 173 -3.15 -9.95 -15.14
C CYS A 173 -2.31 -10.82 -14.21
C CYS A 173 -2.29 -10.84 -14.25
N ILE A 174 -2.86 -11.97 -13.83
CA ILE A 174 -2.14 -12.89 -12.94
C ILE A 174 -0.93 -13.46 -13.64
N ASN A 175 -1.06 -13.78 -14.93
CA ASN A 175 0.06 -14.36 -15.68
C ASN A 175 1.22 -13.38 -15.79
N ASP A 176 0.93 -12.08 -15.79
CA ASP A 176 2.01 -11.09 -15.89
C ASP A 176 2.86 -11.07 -14.63
N VAL A 177 2.25 -11.32 -13.46
CA VAL A 177 3.02 -11.29 -12.23
C VAL A 177 3.81 -12.58 -12.03
N THR A 178 3.33 -13.70 -12.58
CA THR A 178 4.14 -14.92 -12.56
C THR A 178 5.44 -14.74 -13.32
N LYS A 179 5.41 -13.96 -14.39
CA LYS A 179 6.60 -13.61 -15.15
C LYS A 179 7.44 -12.55 -14.45
N ALA A 180 7.23 -12.34 -13.16
CA ALA A 180 8.08 -11.50 -12.34
C ALA A 180 8.64 -12.25 -11.13
N GLY A 181 8.59 -13.58 -11.17
CA GLY A 181 9.15 -14.41 -10.12
C GLY A 181 8.20 -14.85 -9.04
N HIS A 182 6.90 -14.56 -9.16
CA HIS A 182 5.94 -14.93 -8.13
C HIS A 182 5.06 -16.09 -8.58
N THR A 183 4.45 -16.75 -7.59
CA THR A 183 3.67 -17.95 -7.82
C THR A 183 2.23 -17.72 -7.38
N LEU A 184 1.38 -18.72 -7.67
CA LEU A 184 -0.04 -18.61 -7.39
C LEU A 184 -0.35 -18.61 -5.89
N GLU A 185 0.52 -19.20 -5.06
CA GLU A 185 0.27 -19.18 -3.62
C GLU A 185 0.33 -17.78 -3.04
N LEU A 186 0.84 -16.80 -3.78
CA LEU A 186 0.70 -15.39 -3.45
C LEU A 186 -0.35 -14.71 -4.30
N LEU A 187 -0.43 -15.06 -5.59
CA LEU A 187 -1.32 -14.36 -6.51
C LEU A 187 -2.77 -14.76 -6.36
N GLU A 188 -3.04 -16.04 -6.02
CA GLU A 188 -4.42 -16.44 -5.76
C GLU A 188 -5.03 -15.69 -4.58
N PRO A 189 -4.40 -15.62 -3.40
CA PRO A 189 -4.98 -14.79 -2.34
C PRO A 189 -4.96 -13.32 -2.67
N LEU A 190 -3.98 -12.85 -3.46
CA LEU A 190 -3.94 -11.45 -3.83
C LEU A 190 -5.16 -11.06 -4.66
N VAL A 191 -5.46 -11.83 -5.69
CA VAL A 191 -6.64 -11.57 -6.51
C VAL A 191 -7.90 -11.80 -5.68
N LYS A 192 -7.90 -12.84 -4.85
CA LYS A 192 -9.02 -13.05 -3.93
C LYS A 192 -9.11 -11.95 -2.88
N PHE A 193 -8.04 -11.18 -2.67
CA PHE A 193 -8.12 -10.03 -1.78
C PHE A 193 -8.68 -8.81 -2.50
N GLN A 194 -8.34 -8.64 -3.77
CA GLN A 194 -8.79 -7.45 -4.50
C GLN A 194 -10.28 -7.50 -4.80
N VAL A 195 -10.84 -8.69 -5.03
CA VAL A 195 -12.24 -8.78 -5.47
C VAL A 195 -13.19 -8.42 -4.34
N GLY A 196 -12.97 -9.00 -3.14
CA GLY A 196 -13.82 -8.68 -2.02
C GLY A 196 -13.61 -7.28 -1.49
N LEU A 197 -12.39 -6.75 -1.61
CA LEU A 197 -12.19 -5.34 -1.30
C LEU A 197 -12.94 -4.45 -2.28
N LYS A 198 -12.96 -4.85 -3.57
CA LYS A 198 -13.74 -4.11 -4.55
C LYS A 198 -15.23 -4.26 -4.29
N LYS A 199 -15.66 -5.44 -3.82
CA LYS A 199 -17.08 -5.64 -3.53
C LYS A 199 -17.53 -4.82 -2.34
N LEU A 200 -16.61 -4.49 -1.43
CA LEU A 200 -16.98 -3.64 -0.29
C LEU A 200 -17.46 -2.28 -0.76
N LYS A 201 -17.02 -1.83 -1.93
CA LYS A 201 -17.42 -0.55 -2.53
C LYS A 201 -17.20 0.59 -1.55
N LEU A 202 -15.97 0.69 -1.06
CA LEU A 202 -15.61 1.71 -0.09
C LEU A 202 -15.77 3.10 -0.68
N HIS A 203 -16.25 4.03 0.14
CA HIS A 203 -16.12 5.43 -0.20
C HIS A 203 -14.65 5.81 -0.20
N GLU A 204 -14.33 6.86 -0.96
CA GLU A 204 -12.94 7.32 -1.00
C GLU A 204 -12.45 7.72 0.38
N GLU A 205 -13.34 8.28 1.20
CA GLU A 205 -12.98 8.61 2.58
C GLU A 205 -12.59 7.36 3.36
N GLU A 206 -13.26 6.24 3.09
CA GLU A 206 -12.95 5.00 3.79
C GLU A 206 -11.73 4.31 3.22
N HIS A 207 -11.51 4.43 1.90
CA HIS A 207 -10.32 3.86 1.28
C HIS A 207 -9.06 4.48 1.86
N VAL A 208 -9.02 5.80 1.96
N VAL A 208 -9.02 5.81 1.97
CA VAL A 208 -7.83 6.48 2.44
CA VAL A 208 -7.80 6.47 2.44
C VAL A 208 -7.63 6.25 3.93
C VAL A 208 -7.64 6.29 3.94
N LEU A 209 -8.73 6.21 4.69
CA LEU A 209 -8.63 5.94 6.12
C LEU A 209 -8.03 4.56 6.37
N LEU A 210 -8.41 3.57 5.56
CA LEU A 210 -7.89 2.22 5.72
C LEU A 210 -6.40 2.16 5.42
N MET A 211 -5.94 2.91 4.41
CA MET A 211 -4.50 2.97 4.15
C MET A 211 -3.76 3.63 5.31
N ALA A 212 -4.34 4.68 5.88
CA ALA A 212 -3.70 5.35 7.01
C ALA A 212 -3.63 4.42 8.23
N ILE A 213 -4.75 3.75 8.53
CA ILE A 213 -4.79 2.83 9.66
C ILE A 213 -3.79 1.69 9.47
N CYS A 214 -3.71 1.16 8.25
CA CYS A 214 -2.76 0.09 7.96
C CYS A 214 -1.32 0.55 8.18
N LEU A 215 -1.01 1.79 7.78
CA LEU A 215 0.35 2.29 7.89
C LEU A 215 0.72 2.54 9.35
N LEU A 216 -0.21 3.08 10.14
CA LEU A 216 0.03 3.39 11.55
C LEU A 216 -0.23 2.21 12.47
N SER A 217 0.09 1.00 12.03
CA SER A 217 -0.10 -0.17 12.88
C SER A 217 1.06 -0.30 13.85
N PRO A 218 0.80 -0.54 15.14
CA PRO A 218 1.88 -0.67 16.11
C PRO A 218 2.54 -2.04 16.08
N ASP A 219 1.80 -3.06 15.65
CA ASP A 219 2.31 -4.43 15.66
C ASP A 219 3.09 -4.70 14.37
N ARG A 220 4.25 -4.03 14.29
CA ARG A 220 5.16 -4.16 13.15
C ARG A 220 6.59 -4.15 13.66
N PRO A 221 7.48 -4.92 13.03
CA PRO A 221 8.85 -5.03 13.56
C PRO A 221 9.61 -3.72 13.48
N GLY A 222 10.33 -3.41 14.55
CA GLY A 222 11.21 -2.26 14.59
C GLY A 222 10.66 -1.04 15.28
N VAL A 223 9.36 -0.99 15.56
CA VAL A 223 8.77 0.19 16.17
C VAL A 223 9.24 0.30 17.62
N GLN A 224 9.50 1.53 18.06
CA GLN A 224 9.93 1.81 19.42
C GLN A 224 8.87 2.51 20.25
N ASP A 225 8.16 3.49 19.69
CA ASP A 225 7.14 4.24 20.42
C ASP A 225 5.79 3.57 20.18
N HIS A 226 5.56 2.49 20.92
CA HIS A 226 4.32 1.72 20.74
C HIS A 226 3.10 2.53 21.15
N VAL A 227 3.21 3.32 22.22
CA VAL A 227 2.04 4.03 22.72
C VAL A 227 1.70 5.24 21.85
N ARG A 228 2.70 5.90 21.27
CA ARG A 228 2.42 7.08 20.46
C ARG A 228 1.73 6.72 19.16
N ILE A 229 2.16 5.63 18.53
CA ILE A 229 1.58 5.25 17.24
C ILE A 229 0.23 4.57 17.43
N GLU A 230 0.06 3.80 18.52
CA GLU A 230 -1.23 3.19 18.78
C GLU A 230 -2.31 4.24 19.02
N ALA A 231 -1.95 5.34 19.70
CA ALA A 231 -2.91 6.41 19.91
C ALA A 231 -3.32 7.06 18.59
N LEU A 232 -2.38 7.21 17.66
CA LEU A 232 -2.72 7.73 16.34
C LEU A 232 -3.67 6.78 15.63
N GLN A 233 -3.35 5.48 15.62
CA GLN A 233 -4.18 4.52 14.91
C GLN A 233 -5.58 4.42 15.54
N ASP A 234 -5.67 4.54 16.86
CA ASP A 234 -6.96 4.52 17.52
C ASP A 234 -7.80 5.73 17.12
N ARG A 235 -7.18 6.90 16.99
CA ARG A 235 -7.91 8.09 16.60
C ARG A 235 -8.43 7.96 15.16
N LEU A 236 -7.64 7.34 14.28
CA LEU A 236 -8.10 7.10 12.92
C LEU A 236 -9.22 6.07 12.85
N CYS A 237 -9.19 5.07 13.75
CA CYS A 237 -10.25 4.07 13.74
C CYS A 237 -11.57 4.64 14.20
N ASP A 238 -11.55 5.52 15.21
CA ASP A 238 -12.79 6.17 15.65
C ASP A 238 -13.38 7.02 14.54
N VAL A 239 -12.53 7.68 13.75
CA VAL A 239 -13.03 8.46 12.62
C VAL A 239 -13.70 7.54 11.60
N LEU A 240 -13.06 6.41 11.30
CA LEU A 240 -13.62 5.47 10.33
C LEU A 240 -14.95 4.90 10.81
N GLN A 241 -15.01 4.47 12.07
CA GLN A 241 -16.26 3.97 12.63
C GLN A 241 -17.35 5.02 12.54
N ALA A 242 -17.03 6.26 12.93
CA ALA A 242 -18.02 7.32 12.93
C ALA A 242 -18.45 7.68 11.51
N TYR A 243 -17.51 7.70 10.56
CA TYR A 243 -17.89 8.01 9.18
C TYR A 243 -18.86 6.98 8.63
N ILE A 244 -18.53 5.70 8.79
CA ILE A 244 -19.41 4.65 8.29
C ILE A 244 -20.77 4.71 8.97
N ARG A 245 -20.79 4.99 10.27
CA ARG A 245 -22.04 5.09 11.00
C ARG A 245 -22.94 6.16 10.42
N ILE A 246 -22.39 7.36 10.22
CA ILE A 246 -23.19 8.53 9.87
C ILE A 246 -23.38 8.66 8.35
N GLN A 247 -22.34 8.40 7.56
CA GLN A 247 -22.35 8.75 6.16
C GLN A 247 -22.51 7.57 5.20
N HIS A 248 -22.44 6.33 5.69
CA HIS A 248 -22.52 5.16 4.81
C HIS A 248 -23.74 4.33 5.13
N PRO A 249 -24.83 4.45 4.36
CA PRO A 249 -26.02 3.64 4.65
C PRO A 249 -25.76 2.16 4.43
N GLY A 250 -26.29 1.34 5.33
CA GLY A 250 -26.09 -0.08 5.25
C GLY A 250 -24.68 -0.55 5.54
N GLY A 251 -23.80 0.32 6.02
CA GLY A 251 -22.44 -0.06 6.33
C GLY A 251 -22.32 -0.62 7.74
N ARG A 252 -23.40 -1.24 8.22
CA ARG A 252 -23.45 -1.67 9.61
C ARG A 252 -22.40 -2.73 9.90
N LEU A 253 -22.15 -3.62 8.95
CA LEU A 253 -21.13 -4.65 9.07
C LEU A 253 -19.82 -4.30 8.38
N LEU A 254 -19.69 -3.06 7.90
CA LEU A 254 -18.54 -2.69 7.06
C LEU A 254 -17.25 -2.56 7.86
N TYR A 255 -17.31 -1.99 9.06
CA TYR A 255 -16.07 -1.76 9.82
C TYR A 255 -15.36 -3.06 10.12
N ALA A 256 -16.11 -4.07 10.56
CA ALA A 256 -15.53 -5.39 10.82
C ALA A 256 -14.91 -5.97 9.55
N LYS A 257 -15.59 -5.82 8.41
CA LYS A 257 -15.05 -6.33 7.15
C LYS A 257 -13.76 -5.59 6.76
N MET A 258 -13.67 -4.30 7.07
CA MET A 258 -12.47 -3.55 6.75
C MET A 258 -11.31 -3.97 7.65
N ILE A 259 -11.57 -4.22 8.93
CA ILE A 259 -10.52 -4.67 9.83
C ILE A 259 -10.04 -6.06 9.43
N GLN A 260 -10.95 -6.91 8.94
CA GLN A 260 -10.54 -8.23 8.48
C GLN A 260 -9.58 -8.13 7.29
N LYS A 261 -9.78 -7.15 6.41
CA LYS A 261 -8.86 -6.98 5.29
C LYS A 261 -7.45 -6.66 5.74
N LEU A 262 -7.30 -5.98 6.88
CA LEU A 262 -5.98 -5.76 7.45
C LEU A 262 -5.30 -7.07 7.80
N ALA A 263 -6.06 -8.02 8.35
CA ALA A 263 -5.51 -9.33 8.65
C ALA A 263 -5.07 -10.06 7.38
N ASP A 264 -5.91 -9.98 6.33
CA ASP A 264 -5.53 -10.58 5.05
C ASP A 264 -4.24 -9.96 4.52
N LEU A 265 -4.06 -8.66 4.73
CA LEU A 265 -2.86 -7.99 4.25
C LEU A 265 -1.62 -8.52 4.94
N ARG A 266 -1.71 -8.82 6.23
CA ARG A 266 -0.57 -9.42 6.93
C ARG A 266 -0.20 -10.76 6.32
N SER A 267 -1.20 -11.55 5.94
CA SER A 267 -0.93 -12.83 5.31
C SER A 267 -0.33 -12.63 3.91
N LEU A 268 -0.85 -11.67 3.14
CA LEU A 268 -0.27 -11.36 1.86
C LEU A 268 1.14 -10.82 2.00
N ASN A 269 1.40 -10.04 3.07
CA ASN A 269 2.73 -9.50 3.30
C ASN A 269 3.73 -10.60 3.59
N GLU A 270 3.37 -11.55 4.45
CA GLU A 270 4.27 -12.65 4.78
C GLU A 270 4.63 -13.46 3.55
N GLU A 271 3.65 -13.73 2.68
CA GLU A 271 3.91 -14.55 1.50
C GLU A 271 4.77 -13.80 0.50
N HIS A 272 4.57 -12.49 0.35
CA HIS A 272 5.39 -11.71 -0.57
C HIS A 272 6.84 -11.66 -0.10
N SER A 273 7.06 -11.53 1.21
N SER A 273 7.06 -11.53 1.21
CA SER A 273 8.41 -11.49 1.73
CA SER A 273 8.42 -11.48 1.73
C SER A 273 9.14 -12.81 1.50
C SER A 273 9.15 -12.80 1.50
N LYS A 274 8.43 -13.93 1.61
CA LYS A 274 9.04 -15.23 1.32
C LYS A 274 9.49 -15.31 -0.13
N GLN A 275 8.60 -14.93 -1.06
CA GLN A 275 8.93 -15.04 -2.47
C GLN A 275 9.91 -13.97 -2.91
N TYR A 276 9.90 -12.80 -2.26
CA TYR A 276 10.89 -11.77 -2.56
C TYR A 276 12.28 -12.21 -2.13
N ARG A 277 12.37 -12.89 -0.98
CA ARG A 277 13.66 -13.35 -0.48
C ARG A 277 14.32 -14.31 -1.47
N SER A 278 13.53 -15.23 -2.05
CA SER A 278 14.06 -16.12 -3.07
C SER A 278 14.47 -15.36 -4.31
N LEU A 279 13.73 -14.29 -4.64
CA LEU A 279 14.08 -13.47 -5.80
C LEU A 279 15.34 -12.66 -5.54
N SER A 280 15.49 -12.12 -4.33
CA SER A 280 16.63 -11.26 -4.02
C SER A 280 17.90 -12.04 -3.72
N PHE A 281 17.81 -13.35 -3.51
CA PHE A 281 19.00 -14.16 -3.28
C PHE A 281 19.68 -14.62 -4.56
N GLN A 282 19.04 -14.41 -5.71
CA GLN A 282 19.66 -14.72 -6.99
C GLN A 282 20.10 -13.42 -7.66
N PRO A 283 21.41 -13.15 -7.74
CA PRO A 283 21.86 -11.83 -8.23
C PRO A 283 21.39 -11.49 -9.63
N GLU A 284 21.20 -12.49 -10.51
CA GLU A 284 20.71 -12.21 -11.85
C GLU A 284 19.30 -11.63 -11.85
N HIS A 285 18.52 -11.88 -10.80
CA HIS A 285 17.19 -11.28 -10.64
C HIS A 285 17.23 -10.01 -9.79
N SER A 286 18.00 -10.01 -8.70
CA SER A 286 18.06 -8.82 -7.85
C SER A 286 18.70 -7.64 -8.58
N MET A 287 19.48 -7.90 -9.64
CA MET A 287 20.05 -6.79 -10.41
C MET A 287 19.01 -6.07 -11.24
N GLN A 288 17.85 -6.68 -11.47
CA GLN A 288 16.76 -6.03 -12.20
C GLN A 288 15.90 -5.15 -11.31
N LEU A 289 16.09 -5.22 -9.99
CA LEU A 289 15.32 -4.39 -9.08
C LEU A 289 15.93 -2.98 -9.02
N THR A 290 15.23 -2.08 -8.33
CA THR A 290 15.69 -0.72 -8.19
C THR A 290 16.31 -0.51 -6.81
N PRO A 291 17.19 0.49 -6.66
CA PRO A 291 17.77 0.74 -5.33
C PRO A 291 16.73 0.99 -4.26
N LEU A 292 15.63 1.69 -4.58
CA LEU A 292 14.61 1.93 -3.56
C LEU A 292 13.91 0.64 -3.15
N VAL A 293 13.63 -0.24 -4.12
CA VAL A 293 13.01 -1.53 -3.78
C VAL A 293 13.95 -2.35 -2.90
N LEU A 294 15.24 -2.36 -3.24
CA LEU A 294 16.20 -3.12 -2.45
C LEU A 294 16.32 -2.55 -1.04
N GLU A 295 16.23 -1.22 -0.91
CA GLU A 295 16.35 -0.59 0.41
C GLU A 295 15.09 -0.82 1.25
N VAL A 296 13.92 -0.72 0.63
CA VAL A 296 12.67 -0.80 1.39
C VAL A 296 12.35 -2.24 1.76
N PHE A 297 12.48 -3.16 0.81
CA PHE A 297 12.23 -4.57 1.06
C PHE A 297 13.42 -5.29 1.65
N GLY A 298 14.56 -4.62 1.79
CA GLY A 298 15.74 -5.25 2.34
C GLY A 298 15.61 -5.52 3.83
N SER A 299 16.54 -6.33 4.34
CA SER A 299 16.51 -6.81 5.71
C SER A 299 17.36 -5.95 6.64
N GLU A 300 17.87 -4.82 6.18
CA GLU A 300 18.61 -3.91 7.05
C GLU A 300 17.71 -3.38 8.15
N VAL A 301 18.22 -3.36 9.38
CA VAL A 301 17.49 -2.85 10.53
C VAL A 301 18.28 -1.68 11.10
N SER A 302 17.56 -0.61 11.46
CA SER A 302 18.18 0.59 12.00
C SER A 302 18.59 0.42 13.45
N ARG B 1 22.80 3.52 4.71
CA ARG B 1 21.87 3.01 5.73
C ARG B 1 20.54 3.74 5.65
N HIS B 2 19.59 3.13 4.93
CA HIS B 2 18.29 3.75 4.64
C HIS B 2 18.48 5.13 4.01
N LYS B 3 19.49 5.23 3.13
CA LYS B 3 19.88 6.51 2.56
C LYS B 3 18.75 7.13 1.74
N ILE B 4 18.14 6.34 0.86
CA ILE B 4 17.08 6.87 0.01
C ILE B 4 15.84 7.19 0.83
N LEU B 5 15.54 6.36 1.84
CA LEU B 5 14.38 6.61 2.69
C LEU B 5 14.54 7.91 3.48
N HIS B 6 15.73 8.12 4.05
CA HIS B 6 15.98 9.35 4.81
C HIS B 6 15.79 10.59 3.94
N ARG B 7 16.34 10.56 2.73
CA ARG B 7 16.21 11.71 1.84
C ARG B 7 14.75 11.96 1.48
N LEU B 8 14.02 10.90 1.12
CA LEU B 8 12.63 11.04 0.73
C LEU B 8 11.74 11.46 1.90
N LEU B 9 12.13 11.10 3.12
CA LEU B 9 11.32 11.42 4.29
C LEU B 9 11.50 12.85 4.79
N GLN B 10 12.58 13.54 4.41
CA GLN B 10 12.77 14.91 4.84
C GLN B 10 12.14 15.87 3.83
N GLU B 11 12.08 17.15 4.20
CA GLU B 11 11.68 18.18 3.23
C GLU B 11 12.91 18.79 2.57
#